data_5R5K
#
_entry.id   5R5K
#
_cell.length_a   49.480
_cell.length_b   52.310
_cell.length_c   101.620
_cell.angle_alpha   90.000
_cell.angle_beta   90.000
_cell.angle_gamma   90.000
#
_symmetry.space_group_name_H-M   'P 21 21 21'
#
loop_
_entity.id
_entity.type
_entity.pdbx_description
1 polymer 'Uridine diphosphate glucose pyrophosphatase NUDT22'
2 non-polymer 'methyl 2-[(2~{R})-1-(ethylcarbamoyl)-3-oxidanylidene-piperazin-2-yl]ethanoate'
3 non-polymer 'DIMETHYL SULFOXIDE'
4 water water
#
_entity_poly.entity_id   1
_entity_poly.type   'polypeptide(L)'
_entity_poly.pdbx_seq_one_letter_code
;SMDPEVTLLLQCPGGGLPQEQIQAELSPAHDRRPLPGGDEAITAIWETRLKAQPWLFDAPKFRLHSATLAPIGSRGPQLL
LRLGLTSYRDFLGTNWSSSAAWLRQQGATDWGDTQAYLADPLGVGAALATADDFLVFLRRSRQVAEAPGLVDVPGGHPEP
QALCPGGSPQHQDLAGQLVVHELFSSVLQEICDEVNLPLLTLSQPLLLGIARNETSAGRASAEFYVQCSLTSEQVRKHYL
SGGPEAHESTGIFFVETQNVRRLPETEMWAELCPSAKGAIILYNRVQGSPTGAALGSPALLPPL
;
_entity_poly.pdbx_strand_id   A
#
# COMPACT_ATOMS: atom_id res chain seq x y z
N ASP A 3 -12.18 -0.76 13.16
N ASP A 3 -11.80 -0.04 13.35
CA ASP A 3 -11.30 -1.48 12.20
CA ASP A 3 -11.39 -1.21 12.52
C ASP A 3 -9.94 -1.71 12.85
C ASP A 3 -9.98 -1.63 12.93
N PRO A 4 -9.83 -2.65 13.83
CA PRO A 4 -8.55 -2.91 14.47
C PRO A 4 -7.48 -3.42 13.53
N GLU A 5 -7.79 -3.89 12.33
CA GLU A 5 -6.74 -4.52 11.51
C GLU A 5 -6.02 -3.47 10.67
N VAL A 6 -6.44 -2.19 10.70
CA VAL A 6 -5.72 -1.09 9.96
C VAL A 6 -5.56 0.19 10.84
N THR A 7 -4.33 0.70 10.89
CA THR A 7 -3.95 1.97 11.59
C THR A 7 -3.32 2.95 10.59
N LEU A 8 -3.67 4.23 10.68
CA LEU A 8 -3.08 5.28 9.80
C LEU A 8 -1.77 5.75 10.40
N LEU A 9 -0.68 5.65 9.66
CA LEU A 9 0.62 6.21 10.10
C LEU A 9 0.75 7.66 9.64
N LEU A 10 0.20 8.00 8.46
CA LEU A 10 0.35 9.32 7.81
C LEU A 10 -0.93 9.64 7.04
N GLN A 11 -1.46 10.86 7.21
CA GLN A 11 -2.52 11.47 6.36
C GLN A 11 -1.90 12.72 5.70
N CYS A 12 -1.79 12.74 4.37
CA CYS A 12 -1.14 13.84 3.64
C CYS A 12 -2.04 15.07 3.58
N PRO A 13 -1.41 16.27 3.57
CA PRO A 13 -2.16 17.51 3.41
C PRO A 13 -2.37 17.90 1.94
N GLY A 14 -3.18 18.94 1.71
CA GLY A 14 -3.35 19.56 0.40
C GLY A 14 -4.04 18.65 -0.60
N GLY A 15 -4.82 17.68 -0.15
CA GLY A 15 -5.49 16.69 -1.02
C GLY A 15 -4.50 15.64 -1.57
N GLY A 16 -3.27 15.59 -1.05
CA GLY A 16 -2.28 14.57 -1.40
C GLY A 16 -1.01 15.18 -1.97
N LEU A 17 0.13 14.53 -1.78
CA LEU A 17 1.45 15.11 -2.21
C LEU A 17 1.95 14.56 -3.55
N PRO A 18 2.41 15.45 -4.46
CA PRO A 18 3.07 15.03 -5.70
C PRO A 18 4.53 14.59 -5.43
N GLN A 19 5.12 13.86 -6.37
CA GLN A 19 6.51 13.35 -6.30
C GLN A 19 7.50 14.45 -5.86
N GLU A 20 7.34 15.68 -6.38
CA GLU A 20 8.39 16.75 -6.28
C GLU A 20 8.41 17.30 -4.84
N GLN A 21 7.42 16.98 -4.01
CA GLN A 21 7.35 17.49 -2.62
C GLN A 21 7.85 16.45 -1.61
N ILE A 22 8.40 15.31 -2.05
CA ILE A 22 8.80 14.20 -1.13
C ILE A 22 10.30 13.93 -1.23
N GLN A 23 10.93 13.83 -0.07
CA GLN A 23 12.35 13.45 0.14
C GLN A 23 12.39 12.03 0.72
N ALA A 24 13.34 11.21 0.33
CA ALA A 24 13.66 9.93 1.02
C ALA A 24 15.10 9.97 1.55
N GLU A 25 15.29 9.35 2.69
CA GLU A 25 16.62 9.03 3.27
C GLU A 25 16.72 7.49 3.33
N LEU A 26 17.49 6.90 2.43
CA LEU A 26 17.72 5.42 2.37
C LEU A 26 19.04 5.14 3.06
N SER A 27 19.01 4.52 4.25
CA SER A 27 20.16 4.40 5.17
C SER A 27 20.13 3.04 5.87
N PRO A 28 21.30 2.39 6.06
CA PRO A 28 21.33 1.15 6.84
C PRO A 28 20.95 1.36 8.31
N ALA A 29 20.89 2.60 8.81
CA ALA A 29 20.33 2.93 10.15
C ALA A 29 18.84 2.58 10.23
N HIS A 30 18.16 2.45 9.07
CA HIS A 30 16.69 2.22 8.95
C HIS A 30 16.36 0.74 8.72
N ASP A 31 17.36 -0.14 8.80
CA ASP A 31 17.20 -1.60 8.59
C ASP A 31 16.57 -2.25 9.82
N ARG A 32 16.03 -3.46 9.65
CA ARG A 32 15.66 -4.38 10.74
C ARG A 32 16.91 -4.65 11.62
N ARG A 33 16.71 -4.80 12.91
CA ARG A 33 17.78 -5.24 13.86
C ARG A 33 17.92 -6.75 13.77
N PRO A 34 19.14 -7.33 13.88
CA PRO A 34 19.29 -8.80 13.97
C PRO A 34 18.42 -9.38 15.11
N LEU A 35 17.89 -10.60 14.95
CA LEU A 35 16.99 -11.21 15.97
C LEU A 35 17.81 -11.53 17.22
N PRO A 36 17.22 -11.48 18.42
CA PRO A 36 17.97 -11.67 19.67
C PRO A 36 18.82 -12.97 19.73
N GLY A 37 18.26 -14.09 19.23
CA GLY A 37 18.94 -15.39 19.16
C GLY A 37 19.64 -15.60 17.81
N GLY A 38 19.69 -14.56 16.97
CA GLY A 38 20.40 -14.61 15.67
C GLY A 38 19.43 -14.81 14.51
N ASP A 39 19.84 -14.39 13.31
CA ASP A 39 19.04 -14.50 12.05
C ASP A 39 19.01 -15.94 11.51
N GLU A 40 19.69 -16.90 12.17
CA GLU A 40 19.54 -18.35 11.85
C GLU A 40 18.08 -18.79 11.86
N ALA A 41 17.21 -18.24 12.72
CA ALA A 41 15.76 -18.58 12.74
C ALA A 41 15.10 -18.25 11.38
N ILE A 42 15.51 -17.17 10.73
CA ILE A 42 14.94 -16.77 9.41
C ILE A 42 15.42 -17.75 8.33
N THR A 43 16.73 -18.04 8.33
CA THR A 43 17.40 -18.99 7.42
C THR A 43 16.71 -20.36 7.51
N ALA A 44 16.40 -20.83 8.72
CA ALA A 44 15.76 -22.17 8.93
C ALA A 44 14.36 -22.20 8.28
N ILE A 45 13.54 -21.17 8.47
CA ILE A 45 12.15 -21.12 7.92
C ILE A 45 12.27 -21.13 6.39
N TRP A 46 13.24 -20.39 5.85
CA TRP A 46 13.45 -20.25 4.37
C TRP A 46 13.83 -21.62 3.78
N GLU A 47 14.80 -22.29 4.40
CA GLU A 47 15.24 -23.68 4.00
C GLU A 47 14.03 -24.60 3.96
N THR A 48 13.20 -24.62 5.01
CA THR A 48 12.01 -25.50 5.06
C THR A 48 11.12 -25.18 3.86
N ARG A 49 10.93 -23.88 3.56
CA ARG A 49 10.02 -23.45 2.49
C ARG A 49 10.60 -23.85 1.12
N LEU A 50 11.89 -23.61 0.85
CA LEU A 50 12.52 -23.97 -0.44
C LEU A 50 12.49 -25.48 -0.64
N LYS A 51 12.59 -26.28 0.43
CA LYS A 51 12.61 -27.76 0.27
C LYS A 51 11.19 -28.30 -0.04
N ALA A 52 10.15 -27.50 0.07
CA ALA A 52 8.78 -27.85 -0.41
C ALA A 52 8.48 -27.17 -1.75
N GLN A 53 8.93 -25.94 -1.95
CA GLN A 53 8.63 -25.10 -3.15
C GLN A 53 9.95 -24.54 -3.70
N PRO A 54 10.77 -25.40 -4.35
CA PRO A 54 12.11 -24.98 -4.78
C PRO A 54 12.16 -23.96 -5.92
N TRP A 55 11.02 -23.65 -6.56
CA TRP A 55 10.87 -22.59 -7.59
C TRP A 55 10.74 -21.19 -6.95
N LEU A 56 10.55 -21.07 -5.62
CA LEU A 56 10.51 -19.72 -4.97
C LEU A 56 11.87 -19.01 -5.08
N PHE A 57 11.84 -17.68 -5.19
CA PHE A 57 13.04 -16.81 -5.23
C PHE A 57 12.94 -15.74 -4.14
N ASP A 58 14.10 -15.31 -3.63
CA ASP A 58 14.20 -14.11 -2.77
C ASP A 58 14.16 -12.88 -3.69
N ALA A 59 13.85 -11.71 -3.14
CA ALA A 59 13.88 -10.41 -3.84
C ALA A 59 14.07 -9.32 -2.80
N PRO A 60 14.85 -8.26 -3.10
CA PRO A 60 14.99 -7.12 -2.19
C PRO A 60 13.67 -6.32 -2.15
N LYS A 61 13.46 -5.63 -1.04
CA LYS A 61 12.28 -4.78 -0.79
C LYS A 61 12.74 -3.51 -0.07
N PHE A 62 12.00 -2.41 -0.19
CA PHE A 62 12.20 -1.26 0.72
C PHE A 62 11.55 -1.58 2.07
N ARG A 63 12.21 -1.16 3.14
CA ARG A 63 11.70 -1.20 4.54
C ARG A 63 11.26 0.22 4.93
N LEU A 64 10.06 0.38 5.44
CA LEU A 64 9.62 1.66 6.09
C LEU A 64 10.11 1.68 7.53
N HIS A 65 10.91 2.69 7.88
CA HIS A 65 11.26 3.01 9.29
C HIS A 65 10.25 4.01 9.86
N SER A 66 10.04 5.15 9.18
CA SER A 66 9.20 6.27 9.67
C SER A 66 8.99 7.28 8.55
N ALA A 67 8.03 8.20 8.73
CA ALA A 67 7.65 9.24 7.75
C ALA A 67 7.24 10.50 8.51
N THR A 68 8.01 11.58 8.36
CA THR A 68 7.81 12.87 9.09
C THR A 68 7.28 13.95 8.14
N LEU A 69 6.08 14.47 8.45
CA LEU A 69 5.46 15.59 7.69
C LEU A 69 5.98 16.94 8.21
N ALA A 70 6.28 17.84 7.26
CA ALA A 70 6.62 19.26 7.52
C ALA A 70 5.45 19.93 8.27
N PRO A 71 5.70 21.07 8.95
CA PRO A 71 4.62 21.93 9.47
C PRO A 71 3.69 22.30 8.31
N ILE A 72 2.35 22.19 8.51
CA ILE A 72 1.38 22.39 7.40
C ILE A 72 1.46 23.85 6.92
N GLY A 73 1.27 24.03 5.62
CA GLY A 73 1.30 25.36 4.99
C GLY A 73 2.70 25.84 4.63
N SER A 74 3.74 25.05 4.89
CA SER A 74 5.16 25.46 4.69
C SER A 74 5.54 25.34 3.21
N ARG A 75 6.57 26.07 2.83
CA ARG A 75 7.28 25.99 1.53
C ARG A 75 8.33 24.88 1.64
N GLY A 76 8.78 24.38 0.50
CA GLY A 76 9.84 23.38 0.45
C GLY A 76 9.27 21.97 0.62
N PRO A 77 10.16 20.96 0.67
CA PRO A 77 9.79 19.55 0.85
C PRO A 77 8.81 19.34 2.01
N GLN A 78 7.76 18.57 1.78
CA GLN A 78 6.62 18.45 2.73
C GLN A 78 6.70 17.12 3.50
N LEU A 79 7.45 16.15 3.01
CA LEU A 79 7.51 14.82 3.67
C LEU A 79 8.94 14.29 3.61
N LEU A 80 9.43 13.69 4.69
CA LEU A 80 10.69 12.88 4.70
C LEU A 80 10.33 11.41 4.97
N LEU A 81 10.59 10.52 4.02
CA LEU A 81 10.45 9.05 4.19
C LEU A 81 11.81 8.51 4.63
N ARG A 82 11.87 7.86 5.79
CA ARG A 82 13.08 7.15 6.24
C ARG A 82 12.93 5.67 5.88
N LEU A 83 13.80 5.19 4.99
CA LEU A 83 13.70 3.84 4.38
C LEU A 83 15.01 3.06 4.63
N GLY A 84 14.89 1.76 4.85
CA GLY A 84 16.02 0.82 4.79
C GLY A 84 15.79 -0.23 3.73
N LEU A 85 16.54 -1.33 3.79
CA LEU A 85 16.37 -2.45 2.82
C LEU A 85 16.01 -3.70 3.61
N THR A 86 15.14 -4.52 3.05
CA THR A 86 14.74 -5.84 3.58
C THR A 86 14.59 -6.82 2.40
N SER A 87 13.86 -7.91 2.58
CA SER A 87 13.72 -8.93 1.53
C SER A 87 12.45 -9.74 1.76
N TYR A 88 12.03 -10.46 0.72
CA TYR A 88 10.93 -11.46 0.77
C TYR A 88 11.25 -12.53 1.83
N ARG A 89 12.50 -13.00 1.85
CA ARG A 89 12.98 -14.05 2.83
C ARG A 89 12.78 -13.54 4.28
N ASP A 90 13.21 -12.30 4.53
CA ASP A 90 13.13 -11.69 5.89
C ASP A 90 11.66 -11.53 6.29
N PHE A 91 10.82 -11.10 5.35
CA PHE A 91 9.36 -11.00 5.58
C PHE A 91 8.81 -12.36 6.06
N LEU A 92 9.12 -13.43 5.32
CA LEU A 92 8.54 -14.76 5.61
C LEU A 92 8.98 -15.22 7.02
N GLY A 93 10.18 -14.86 7.43
CA GLY A 93 10.74 -15.28 8.74
C GLY A 93 10.38 -14.35 9.88
N THR A 94 9.70 -13.21 9.63
CA THR A 94 9.38 -12.27 10.75
C THR A 94 7.89 -11.95 10.74
N ASN A 95 7.44 -10.99 9.92
CA ASN A 95 6.01 -10.59 9.86
C ASN A 95 5.08 -11.80 9.68
N TRP A 96 5.45 -12.75 8.82
CA TRP A 96 4.58 -13.89 8.41
C TRP A 96 4.75 -15.05 9.41
N SER A 97 5.76 -15.01 10.26
CA SER A 97 6.03 -16.07 11.28
C SER A 97 4.87 -16.18 12.30
N SER A 98 4.65 -17.40 12.80
CA SER A 98 3.63 -17.64 13.85
C SER A 98 4.01 -16.87 15.13
N SER A 99 5.29 -16.59 15.31
N SER A 99 5.30 -16.60 15.32
CA SER A 99 5.86 -15.91 16.51
CA SER A 99 5.87 -15.91 16.51
C SER A 99 5.98 -14.38 16.31
C SER A 99 5.96 -14.38 16.32
N ALA A 100 5.34 -13.82 15.27
CA ALA A 100 5.44 -12.36 14.97
C ALA A 100 5.05 -11.51 16.22
N ALA A 101 4.01 -11.87 16.99
CA ALA A 101 3.63 -11.07 18.18
C ALA A 101 4.77 -11.06 19.21
N TRP A 102 5.45 -12.19 19.42
CA TRP A 102 6.59 -12.30 20.36
C TRP A 102 7.74 -11.38 19.93
N LEU A 103 8.01 -11.26 18.62
CA LEU A 103 9.05 -10.35 18.06
C LEU A 103 8.68 -8.89 18.32
N ARG A 104 7.39 -8.54 18.24
CA ARG A 104 6.91 -7.17 18.52
C ARG A 104 7.12 -6.83 20.02
N GLN A 105 6.76 -7.75 20.92
CA GLN A 105 6.96 -7.54 22.38
C GLN A 105 8.47 -7.38 22.70
N GLN A 106 9.33 -8.22 22.11
N GLN A 106 9.32 -8.22 22.09
CA GLN A 106 10.81 -8.19 22.33
CA GLN A 106 10.79 -8.20 22.31
C GLN A 106 11.39 -6.87 21.79
C GLN A 106 11.41 -6.89 21.77
N GLY A 107 10.92 -6.41 20.62
CA GLY A 107 11.33 -5.09 20.09
C GLY A 107 10.96 -3.95 21.05
N ALA A 108 9.76 -3.95 21.64
CA ALA A 108 9.37 -2.96 22.66
C ALA A 108 10.35 -3.00 23.85
N THR A 109 10.67 -4.18 24.35
CA THR A 109 11.59 -4.40 25.49
C THR A 109 13.01 -3.90 25.18
N ASP A 110 13.60 -4.35 24.07
CA ASP A 110 15.04 -4.17 23.76
C ASP A 110 15.33 -2.79 23.16
N TRP A 111 14.47 -2.25 22.31
CA TRP A 111 14.72 -1.05 21.48
C TRP A 111 13.65 0.05 21.67
N GLY A 112 12.63 -0.15 22.51
CA GLY A 112 11.43 0.74 22.57
C GLY A 112 10.79 0.94 21.22
N ASP A 113 10.67 -0.13 20.43
CA ASP A 113 10.17 -0.08 19.02
C ASP A 113 9.56 -1.44 18.68
N THR A 114 8.22 -1.52 18.60
CA THR A 114 7.53 -2.81 18.33
C THR A 114 7.94 -3.38 16.97
N GLN A 115 8.47 -2.56 16.07
CA GLN A 115 8.84 -3.01 14.68
C GLN A 115 10.34 -3.38 14.55
N ALA A 116 11.17 -3.25 15.60
CA ALA A 116 12.65 -3.28 15.45
C ALA A 116 13.10 -4.61 14.84
N TYR A 117 12.41 -5.71 15.16
CA TYR A 117 12.77 -7.08 14.72
C TYR A 117 11.91 -7.55 13.53
N LEU A 118 11.15 -6.64 12.90
CA LEU A 118 10.24 -6.99 11.76
C LEU A 118 10.80 -6.47 10.43
N ALA A 119 10.75 -7.30 9.39
CA ALA A 119 11.14 -6.90 8.02
C ALA A 119 10.37 -5.64 7.57
N ASP A 120 9.04 -5.61 7.71
CA ASP A 120 8.20 -4.44 7.39
C ASP A 120 8.46 -3.93 5.97
N PRO A 121 8.35 -4.78 4.94
CA PRO A 121 8.46 -4.31 3.54
C PRO A 121 7.39 -3.27 3.18
N LEU A 122 7.76 -2.21 2.46
CA LEU A 122 6.83 -1.12 2.05
C LEU A 122 5.99 -1.57 0.85
N GLY A 123 4.65 -1.66 1.03
CA GLY A 123 3.71 -1.88 -0.08
C GLY A 123 3.29 -0.60 -0.77
N VAL A 124 2.74 -0.70 -1.97
CA VAL A 124 2.04 0.45 -2.64
C VAL A 124 0.63 0.01 -3.06
N GLY A 125 -0.32 0.92 -3.01
CA GLY A 125 -1.69 0.67 -3.48
C GLY A 125 -2.32 1.92 -4.04
N ALA A 126 -3.37 1.78 -4.84
CA ALA A 126 -4.03 2.92 -5.48
C ALA A 126 -5.55 2.89 -5.28
N ALA A 127 -6.10 4.06 -4.91
CA ALA A 127 -7.47 4.47 -5.26
C ALA A 127 -7.41 4.96 -6.72
N LEU A 128 -7.90 4.11 -7.63
CA LEU A 128 -7.85 4.35 -9.09
C LEU A 128 -9.25 4.75 -9.55
N ALA A 129 -9.44 5.99 -9.98
CA ALA A 129 -10.75 6.55 -10.37
C ALA A 129 -10.88 6.53 -11.89
N THR A 130 -12.06 6.22 -12.40
CA THR A 130 -12.40 6.27 -13.83
C THR A 130 -12.90 7.66 -14.25
N ALA A 131 -12.97 7.91 -15.55
CA ALA A 131 -13.47 9.19 -16.14
C ALA A 131 -14.93 9.40 -15.73
N ASP A 132 -15.70 8.32 -15.50
CA ASP A 132 -17.15 8.34 -15.13
C ASP A 132 -17.38 8.21 -13.61
N ASP A 133 -16.32 8.46 -12.82
N ASP A 133 -16.34 8.42 -12.80
CA ASP A 133 -16.33 8.63 -11.34
CA ASP A 133 -16.48 8.63 -11.34
C ASP A 133 -16.72 7.33 -10.64
C ASP A 133 -16.73 7.31 -10.60
N PHE A 134 -15.97 6.26 -10.91
CA PHE A 134 -15.98 4.99 -10.12
C PHE A 134 -14.57 4.74 -9.57
N LEU A 135 -14.43 4.03 -8.45
CA LEU A 135 -13.12 3.42 -8.06
C LEU A 135 -13.09 1.96 -8.48
N VAL A 136 -11.87 1.45 -8.74
CA VAL A 136 -11.58 0.10 -9.28
C VAL A 136 -11.23 -0.86 -8.14
N PHE A 137 -11.89 -2.03 -8.10
CA PHE A 137 -11.65 -3.11 -7.13
C PHE A 137 -11.36 -4.44 -7.87
N LEU A 138 -10.56 -5.29 -7.24
CA LEU A 138 -10.07 -6.59 -7.79
C LEU A 138 -10.39 -7.69 -6.79
N ARG A 139 -10.81 -8.86 -7.26
CA ARG A 139 -11.13 -10.01 -6.36
C ARG A 139 -9.91 -10.91 -6.30
N ARG A 140 -9.45 -11.28 -5.11
CA ARG A 140 -8.27 -12.15 -4.90
C ARG A 140 -8.69 -13.62 -5.09
N SER A 141 -7.84 -14.40 -5.74
CA SER A 141 -7.96 -15.88 -5.83
C SER A 141 -8.17 -16.47 -4.43
N ARG A 142 -9.02 -17.50 -4.31
CA ARG A 142 -9.29 -18.24 -3.05
C ARG A 142 -8.15 -19.23 -2.79
N GLN A 143 -7.14 -19.33 -3.68
CA GLN A 143 -6.09 -20.38 -3.58
C GLN A 143 -4.75 -19.79 -3.10
N VAL A 144 -4.63 -18.49 -2.90
CA VAL A 144 -3.33 -17.87 -2.47
C VAL A 144 -3.23 -17.91 -0.94
N ALA A 145 -2.04 -17.66 -0.41
CA ALA A 145 -1.70 -17.74 1.03
C ALA A 145 -2.24 -16.52 1.79
N GLU A 146 -2.14 -15.33 1.21
CA GLU A 146 -2.48 -14.04 1.87
C GLU A 146 -3.87 -13.56 1.45
N ALA A 147 -4.75 -13.32 2.42
CA ALA A 147 -6.10 -12.74 2.27
C ALA A 147 -6.85 -13.44 1.13
N PRO A 148 -6.92 -14.79 1.11
CA PRO A 148 -7.63 -15.49 0.05
C PRO A 148 -9.11 -15.09 -0.08
N GLY A 149 -9.51 -14.88 -1.31
CA GLY A 149 -10.93 -14.64 -1.63
C GLY A 149 -11.39 -13.24 -1.26
N LEU A 150 -10.48 -12.35 -0.80
CA LEU A 150 -10.88 -11.00 -0.32
C LEU A 150 -10.81 -10.00 -1.49
N VAL A 151 -11.45 -8.85 -1.33
CA VAL A 151 -11.40 -7.73 -2.31
C VAL A 151 -10.10 -6.94 -2.06
N ASP A 152 -9.41 -6.55 -3.11
CA ASP A 152 -8.22 -5.68 -3.04
C ASP A 152 -8.36 -4.45 -3.97
N VAL A 153 -7.39 -3.54 -3.92
CA VAL A 153 -7.22 -2.47 -4.94
C VAL A 153 -5.92 -2.77 -5.69
N PRO A 154 -5.63 -2.15 -6.85
CA PRO A 154 -4.34 -2.36 -7.53
C PRO A 154 -3.11 -2.00 -6.69
N GLY A 155 -2.07 -2.79 -6.77
CA GLY A 155 -0.76 -2.40 -6.17
C GLY A 155 0.16 -3.59 -6.04
N GLY A 156 1.22 -3.48 -5.24
CA GLY A 156 2.21 -4.55 -5.10
C GLY A 156 3.31 -4.14 -4.14
N HIS A 157 4.46 -4.81 -4.15
CA HIS A 157 5.57 -4.55 -3.19
C HIS A 157 6.82 -4.28 -4.01
N PRO A 158 7.20 -3.02 -4.28
CA PRO A 158 8.28 -2.75 -5.24
C PRO A 158 9.67 -3.21 -4.78
N GLU A 159 10.45 -3.67 -5.77
CA GLU A 159 11.84 -4.16 -5.63
C GLU A 159 12.78 -3.02 -6.00
N PRO A 160 13.71 -2.60 -5.11
CA PRO A 160 14.80 -1.67 -5.43
C PRO A 160 15.63 -1.96 -6.70
N GLN A 161 16.08 -0.89 -7.41
CA GLN A 161 16.67 -0.87 -8.80
C GLN A 161 16.42 -2.19 -9.53
N ASP A 173 19.30 13.68 -0.32
CA ASP A 173 18.23 13.29 -1.27
C ASP A 173 18.85 12.89 -2.61
N LEU A 174 20.14 12.50 -2.66
CA LEU A 174 20.88 12.37 -3.95
C LEU A 174 20.92 10.92 -4.46
N ALA A 175 20.65 9.91 -3.62
CA ALA A 175 20.03 8.65 -4.08
C ALA A 175 18.52 8.69 -3.77
N GLY A 176 18.12 9.54 -2.79
CA GLY A 176 16.74 9.80 -2.32
C GLY A 176 15.74 10.04 -3.43
N GLN A 177 16.06 10.92 -4.39
CA GLN A 177 15.09 11.36 -5.43
C GLN A 177 14.84 10.19 -6.40
N LEU A 178 15.83 9.31 -6.60
CA LEU A 178 15.65 8.14 -7.49
C LEU A 178 14.73 7.16 -6.78
N VAL A 179 14.86 7.05 -5.47
CA VAL A 179 14.01 6.12 -4.69
C VAL A 179 12.56 6.63 -4.72
N VAL A 180 12.32 7.92 -4.53
CA VAL A 180 10.92 8.46 -4.60
C VAL A 180 10.37 8.21 -6.01
N HIS A 181 11.17 8.45 -7.05
CA HIS A 181 10.79 8.15 -8.46
C HIS A 181 10.36 6.68 -8.63
N GLU A 182 11.12 5.72 -8.09
N GLU A 182 11.12 5.75 -8.05
CA GLU A 182 10.79 4.27 -8.23
CA GLU A 182 10.87 4.28 -8.13
C GLU A 182 9.48 3.96 -7.49
C GLU A 182 9.52 3.97 -7.47
N LEU A 183 9.21 4.59 -6.33
CA LEU A 183 7.92 4.38 -5.61
C LEU A 183 6.71 4.86 -6.45
N PHE A 184 6.74 6.10 -6.96
CA PHE A 184 5.66 6.63 -7.82
C PHE A 184 5.53 5.82 -9.14
N SER A 185 6.65 5.49 -9.77
N SER A 185 6.64 5.44 -9.79
CA SER A 185 6.70 4.65 -11.01
CA SER A 185 6.57 4.68 -11.06
C SER A 185 6.01 3.31 -10.76
C SER A 185 6.08 3.24 -10.81
N SER A 186 6.34 2.67 -9.62
CA SER A 186 5.89 1.28 -9.31
C SER A 186 4.37 1.23 -9.21
N VAL A 187 3.69 2.27 -8.68
CA VAL A 187 2.19 2.17 -8.55
C VAL A 187 1.57 2.19 -9.95
N LEU A 188 2.11 3.00 -10.89
CA LEU A 188 1.63 3.02 -12.30
C LEU A 188 1.94 1.68 -12.97
N GLN A 189 3.14 1.15 -12.79
CA GLN A 189 3.55 -0.14 -13.42
C GLN A 189 2.61 -1.24 -12.94
N GLU A 190 2.28 -1.29 -11.64
CA GLU A 190 1.35 -2.30 -11.04
C GLU A 190 -0.05 -2.15 -11.67
N ILE A 191 -0.51 -0.94 -11.96
CA ILE A 191 -1.81 -0.73 -12.66
C ILE A 191 -1.73 -1.25 -14.09
N CYS A 192 -0.69 -0.89 -14.84
CA CYS A 192 -0.48 -1.40 -16.23
C CYS A 192 -0.38 -2.94 -16.23
N ASP A 193 0.39 -3.56 -15.33
CA ASP A 193 0.59 -5.04 -15.31
C ASP A 193 -0.71 -5.78 -14.96
N GLU A 194 -1.48 -5.37 -13.94
CA GLU A 194 -2.64 -6.16 -13.45
C GLU A 194 -3.91 -5.73 -14.18
N VAL A 195 -4.18 -4.43 -14.41
CA VAL A 195 -5.49 -3.96 -14.97
C VAL A 195 -5.37 -3.91 -16.50
N ASN A 196 -4.15 -3.88 -17.03
CA ASN A 196 -3.91 -3.96 -18.50
C ASN A 196 -4.27 -2.61 -19.17
N LEU A 197 -4.10 -1.50 -18.45
CA LEU A 197 -4.36 -0.13 -18.96
C LEU A 197 -3.09 0.42 -19.62
N PRO A 198 -3.25 1.23 -20.70
CA PRO A 198 -2.11 1.93 -21.31
C PRO A 198 -1.63 3.00 -20.31
N LEU A 199 -0.31 3.15 -20.17
CA LEU A 199 0.34 4.12 -19.25
C LEU A 199 -0.15 5.54 -19.55
N LEU A 200 -0.35 5.89 -20.83
CA LEU A 200 -0.80 7.26 -21.23
C LEU A 200 -2.24 7.55 -20.84
N THR A 201 -3.00 6.61 -20.27
CA THR A 201 -4.37 6.92 -19.76
C THR A 201 -4.31 7.30 -18.27
N LEU A 202 -3.13 7.27 -17.64
CA LEU A 202 -2.97 7.48 -16.16
C LEU A 202 -2.36 8.86 -15.83
N SER A 203 -2.89 9.51 -14.80
CA SER A 203 -2.35 10.76 -14.21
C SER A 203 -1.08 10.43 -13.41
N GLN A 204 -0.24 11.45 -13.17
CA GLN A 204 0.85 11.30 -12.19
C GLN A 204 0.18 11.06 -10.81
N PRO A 205 0.65 10.07 -10.02
CA PRO A 205 0.02 9.78 -8.73
C PRO A 205 0.18 10.90 -7.70
N LEU A 206 -0.77 10.99 -6.76
CA LEU A 206 -0.60 11.76 -5.51
C LEU A 206 -0.54 10.79 -4.34
N LEU A 207 0.40 11.01 -3.42
CA LEU A 207 0.46 10.21 -2.17
C LEU A 207 -0.66 10.69 -1.22
N LEU A 208 -1.60 9.80 -0.85
CA LEU A 208 -2.67 10.17 0.13
C LEU A 208 -2.19 9.99 1.56
N GLY A 209 -1.39 8.95 1.83
CA GLY A 209 -0.91 8.65 3.18
C GLY A 209 -0.28 7.27 3.26
N ILE A 210 -0.13 6.76 4.48
CA ILE A 210 0.48 5.44 4.78
C ILE A 210 -0.41 4.76 5.82
N ALA A 211 -0.76 3.50 5.56
CA ALA A 211 -1.60 2.64 6.41
C ALA A 211 -0.80 1.42 6.81
N ARG A 212 -1.05 0.92 8.03
CA ARG A 212 -0.43 -0.32 8.56
C ARG A 212 -1.48 -1.44 8.68
N ASN A 213 -1.09 -2.66 8.32
CA ASN A 213 -1.83 -3.95 8.39
C ASN A 213 -1.45 -4.63 9.71
N GLU A 214 -2.27 -4.53 10.74
CA GLU A 214 -2.03 -5.16 12.07
C GLU A 214 -2.19 -6.69 12.01
N THR A 215 -2.87 -7.26 11.00
CA THR A 215 -2.96 -8.73 10.80
C THR A 215 -1.64 -9.29 10.24
N SER A 216 -0.79 -8.44 9.68
CA SER A 216 0.55 -8.81 9.17
C SER A 216 1.64 -8.13 10.00
N ALA A 217 1.41 -7.99 11.33
CA ALA A 217 2.39 -7.53 12.34
C ALA A 217 2.83 -6.09 12.07
N GLY A 218 2.00 -5.27 11.43
CA GLY A 218 2.25 -3.83 11.32
C GLY A 218 2.97 -3.42 10.05
N ARG A 219 3.08 -4.29 9.03
CA ARG A 219 3.74 -3.84 7.77
C ARG A 219 2.86 -2.79 7.05
N ALA A 220 3.52 -1.77 6.49
CA ALA A 220 2.89 -0.53 5.99
C ALA A 220 2.78 -0.54 4.46
N SER A 221 1.79 0.18 3.92
CA SER A 221 1.64 0.44 2.47
C SER A 221 1.42 1.94 2.25
N ALA A 222 2.16 2.54 1.32
CA ALA A 222 1.90 3.90 0.76
C ALA A 222 0.67 3.82 -0.15
N GLU A 223 -0.33 4.65 0.11
CA GLU A 223 -1.61 4.64 -0.65
C GLU A 223 -1.68 5.90 -1.52
N PHE A 224 -1.92 5.73 -2.83
CA PHE A 224 -1.89 6.83 -3.83
C PHE A 224 -3.27 7.03 -4.45
N TYR A 225 -3.54 8.22 -4.99
CA TYR A 225 -4.72 8.50 -5.86
C TYR A 225 -4.20 8.59 -7.30
N VAL A 226 -4.83 7.86 -8.23
CA VAL A 226 -4.48 7.91 -9.67
C VAL A 226 -5.80 8.05 -10.42
N GLN A 227 -5.84 8.97 -11.39
N GLN A 227 -5.86 9.01 -11.36
CA GLN A 227 -7.03 9.21 -12.25
CA GLN A 227 -7.03 9.22 -12.27
C GLN A 227 -6.76 8.59 -13.63
C GLN A 227 -6.74 8.51 -13.60
N CYS A 228 -7.76 7.87 -14.16
CA CYS A 228 -7.72 7.28 -15.50
C CYS A 228 -8.65 8.08 -16.42
N SER A 229 -8.25 8.24 -17.67
CA SER A 229 -9.03 8.99 -18.71
C SER A 229 -10.09 8.10 -19.35
N LEU A 230 -10.05 6.77 -19.10
CA LEU A 230 -11.06 5.80 -19.60
C LEU A 230 -12.26 5.72 -18.64
N THR A 231 -13.44 5.42 -19.19
CA THR A 231 -14.66 5.06 -18.43
C THR A 231 -14.51 3.67 -17.80
N SER A 232 -15.37 3.35 -16.83
CA SER A 232 -15.45 2.02 -16.18
C SER A 232 -15.64 0.93 -17.27
N GLU A 233 -16.47 1.17 -18.28
CA GLU A 233 -16.70 0.13 -19.31
C GLU A 233 -15.39 -0.12 -20.10
N GLN A 234 -14.67 0.93 -20.45
CA GLN A 234 -13.38 0.80 -21.19
C GLN A 234 -12.33 0.08 -20.30
N VAL A 235 -12.25 0.41 -18.99
CA VAL A 235 -11.25 -0.21 -18.07
C VAL A 235 -11.52 -1.73 -18.02
N ARG A 236 -12.78 -2.11 -17.88
CA ARG A 236 -13.24 -3.54 -17.83
C ARG A 236 -12.81 -4.25 -19.11
N LYS A 237 -13.04 -3.64 -20.28
CA LYS A 237 -12.64 -4.26 -21.58
C LYS A 237 -11.14 -4.53 -21.58
N HIS A 238 -10.33 -3.56 -21.14
CA HIS A 238 -8.85 -3.69 -21.15
C HIS A 238 -8.45 -4.84 -20.21
N TYR A 239 -8.96 -4.87 -18.96
CA TYR A 239 -8.68 -5.94 -17.99
C TYR A 239 -9.01 -7.32 -18.59
N LEU A 240 -10.23 -7.52 -19.12
CA LEU A 240 -10.71 -8.85 -19.59
C LEU A 240 -9.94 -9.30 -20.85
N SER A 241 -9.55 -8.35 -21.71
CA SER A 241 -8.93 -8.65 -23.03
C SER A 241 -7.52 -9.21 -22.85
N GLY A 242 -6.95 -9.16 -21.64
CA GLY A 242 -5.68 -9.84 -21.32
C GLY A 242 -5.86 -11.35 -21.21
N GLY A 243 -7.05 -11.81 -20.84
CA GLY A 243 -7.33 -13.26 -20.63
C GLY A 243 -6.94 -13.67 -19.22
N PRO A 244 -7.29 -14.91 -18.79
CA PRO A 244 -7.01 -15.33 -17.41
C PRO A 244 -5.53 -15.27 -16.98
N GLU A 245 -4.57 -15.39 -17.91
CA GLU A 245 -3.11 -15.41 -17.60
C GLU A 245 -2.52 -13.99 -17.48
N ALA A 246 -3.26 -12.96 -17.89
CA ALA A 246 -2.78 -11.56 -17.88
C ALA A 246 -2.95 -10.94 -16.49
N HIS A 247 -3.62 -11.61 -15.54
CA HIS A 247 -3.83 -11.02 -14.19
C HIS A 247 -3.79 -12.09 -13.10
N GLU A 248 -3.33 -11.71 -11.90
CA GLU A 248 -3.31 -12.57 -10.69
C GLU A 248 -4.71 -12.62 -10.06
N SER A 249 -5.47 -11.52 -10.16
CA SER A 249 -6.87 -11.46 -9.62
C SER A 249 -7.83 -12.35 -10.44
N THR A 250 -9.04 -12.60 -9.93
CA THR A 250 -10.06 -13.45 -10.60
C THR A 250 -11.25 -12.64 -11.14
N GLY A 251 -11.28 -11.34 -10.87
CA GLY A 251 -12.36 -10.48 -11.37
C GLY A 251 -12.09 -9.02 -11.03
N ILE A 252 -12.78 -8.11 -11.74
CA ILE A 252 -12.73 -6.63 -11.58
C ILE A 252 -14.16 -6.13 -11.34
N PHE A 253 -14.32 -5.10 -10.52
CA PHE A 253 -15.64 -4.44 -10.35
C PHE A 253 -15.44 -3.00 -9.91
N PHE A 254 -16.51 -2.22 -9.93
CA PHE A 254 -16.46 -0.73 -9.82
C PHE A 254 -17.51 -0.24 -8.82
N VAL A 255 -17.18 0.78 -7.99
CA VAL A 255 -18.14 1.39 -7.02
C VAL A 255 -18.15 2.90 -7.27
N GLU A 256 -19.30 3.54 -7.45
CA GLU A 256 -19.40 5.01 -7.67
C GLU A 256 -18.65 5.70 -6.54
N THR A 257 -17.88 6.77 -6.82
CA THR A 257 -17.21 7.56 -5.76
C THR A 257 -18.28 8.10 -4.80
N GLN A 258 -19.50 8.42 -5.27
CA GLN A 258 -20.64 8.77 -4.39
C GLN A 258 -20.82 7.77 -3.24
N ASN A 259 -20.70 6.48 -3.54
CA ASN A 259 -21.02 5.36 -2.60
C ASN A 259 -19.78 4.96 -1.78
N VAL A 260 -18.58 5.34 -2.20
CA VAL A 260 -17.35 5.01 -1.43
C VAL A 260 -17.40 5.68 -0.06
N ARG A 261 -17.95 6.90 0.00
CA ARG A 261 -18.20 7.65 1.27
C ARG A 261 -18.73 6.72 2.38
N ARG A 262 -19.72 5.87 2.12
CA ARG A 262 -20.36 5.05 3.19
C ARG A 262 -19.94 3.57 3.10
N LEU A 263 -18.86 3.27 2.36
CA LEU A 263 -18.44 1.85 2.19
C LEU A 263 -18.24 1.15 3.54
N PRO A 264 -17.67 1.78 4.59
CA PRO A 264 -17.52 1.09 5.88
C PRO A 264 -18.83 0.63 6.55
N GLU A 265 -19.98 1.07 6.03
CA GLU A 265 -21.32 0.68 6.57
C GLU A 265 -21.92 -0.45 5.71
N THR A 266 -21.23 -0.90 4.66
CA THR A 266 -21.74 -1.91 3.69
C THR A 266 -21.24 -3.31 4.06
N GLU A 267 -21.89 -4.36 3.53
CA GLU A 267 -21.43 -5.77 3.64
C GLU A 267 -20.10 -5.99 2.88
N MET A 268 -19.75 -5.10 1.96
CA MET A 268 -18.46 -5.21 1.20
C MET A 268 -17.29 -5.03 2.20
N TRP A 269 -17.47 -4.21 3.23
CA TRP A 269 -16.35 -3.80 4.11
C TRP A 269 -15.68 -5.06 4.73
N ALA A 270 -16.50 -6.02 5.17
CA ALA A 270 -16.02 -7.28 5.79
C ALA A 270 -15.19 -8.11 4.80
N GLU A 271 -15.31 -7.85 3.50
CA GLU A 271 -14.62 -8.62 2.46
C GLU A 271 -13.34 -7.91 1.99
N LEU A 272 -13.06 -6.66 2.41
CA LEU A 272 -11.85 -5.93 1.95
C LEU A 272 -10.63 -6.36 2.78
N CYS A 273 -9.52 -6.66 2.14
CA CYS A 273 -8.23 -6.86 2.83
C CYS A 273 -7.75 -5.55 3.46
N PRO A 274 -7.00 -5.64 4.58
CA PRO A 274 -6.55 -4.47 5.35
C PRO A 274 -5.92 -3.34 4.53
N SER A 275 -5.06 -3.66 3.56
CA SER A 275 -4.37 -2.59 2.78
C SER A 275 -5.38 -1.88 1.90
N ALA A 276 -6.37 -2.60 1.35
CA ALA A 276 -7.46 -1.96 0.56
C ALA A 276 -8.33 -1.11 1.49
N LYS A 277 -8.63 -1.56 2.72
CA LYS A 277 -9.33 -0.67 3.69
C LYS A 277 -8.55 0.63 3.91
N GLY A 278 -7.22 0.53 4.04
CA GLY A 278 -6.34 1.71 4.17
C GLY A 278 -6.52 2.71 3.04
N ALA A 279 -6.48 2.23 1.80
CA ALA A 279 -6.62 3.06 0.59
C ALA A 279 -7.97 3.78 0.62
N ILE A 280 -9.05 3.10 0.99
CA ILE A 280 -10.40 3.70 0.96
C ILE A 280 -10.56 4.71 2.11
N ILE A 281 -10.07 4.43 3.30
CA ILE A 281 -10.13 5.41 4.43
C ILE A 281 -9.37 6.69 4.01
N LEU A 282 -8.16 6.54 3.44
CA LEU A 282 -7.34 7.71 3.05
C LEU A 282 -7.99 8.46 1.88
N TYR A 283 -8.59 7.76 0.90
CA TYR A 283 -9.34 8.43 -0.18
C TYR A 283 -10.44 9.28 0.42
N ASN A 284 -11.23 8.71 1.33
CA ASN A 284 -12.38 9.43 1.95
C ASN A 284 -11.89 10.66 2.76
N ARG A 285 -10.77 10.59 3.47
CA ARG A 285 -10.29 11.71 4.32
C ARG A 285 -9.58 12.79 3.51
N VAL A 286 -8.87 12.39 2.45
CA VAL A 286 -7.93 13.29 1.73
C VAL A 286 -8.52 13.80 0.43
N GLN A 287 -9.14 12.98 -0.43
CA GLN A 287 -9.77 13.43 -1.69
C GLN A 287 -11.26 13.78 -1.43
N GLY A 288 -11.98 12.97 -0.65
CA GLY A 288 -13.34 13.29 -0.15
C GLY A 288 -13.24 14.31 0.98
N SER A 289 -14.30 14.48 1.79
CA SER A 289 -14.32 15.36 3.00
C SER A 289 -13.95 16.80 2.61
N PRO A 290 -14.80 17.49 1.80
CA PRO A 290 -14.50 18.85 1.36
C PRO A 290 -14.46 19.86 2.52
N THR A 291 -13.70 20.94 2.35
CA THR A 291 -13.45 21.98 3.40
C THR A 291 -14.14 23.29 3.02
N GLY A 292 -14.49 23.53 1.75
CA GLY A 292 -14.99 24.84 1.26
C GLY A 292 -16.53 24.92 1.28
N ALA A 293 -17.08 26.12 1.12
CA ALA A 293 -18.54 26.42 1.22
C ALA A 293 -19.32 25.75 0.08
N ALA A 294 -18.82 25.80 -1.16
CA ALA A 294 -19.49 25.22 -2.33
C ALA A 294 -19.68 23.69 -2.19
N LEU A 295 -18.60 22.90 -2.09
CA LEU A 295 -18.68 21.40 -2.03
C LEU A 295 -19.25 20.93 -0.68
N GLY A 296 -19.13 21.77 0.35
CA GLY A 296 -19.65 21.49 1.71
C GLY A 296 -21.15 21.79 1.85
N SER A 297 -21.78 22.46 0.88
CA SER A 297 -23.25 22.78 0.90
C SER A 297 -24.10 21.50 0.99
N PRO A 298 -25.23 21.47 1.75
CA PRO A 298 -26.01 20.22 1.94
C PRO A 298 -26.45 19.43 0.70
N ALA A 299 -26.78 20.10 -0.41
CA ALA A 299 -27.20 19.38 -1.65
C ALA A 299 -26.02 18.60 -2.26
N LEU A 300 -24.77 19.09 -2.11
CA LEU A 300 -23.56 18.40 -2.66
C LEU A 300 -22.94 17.47 -1.60
N LEU A 301 -23.08 17.76 -0.30
CA LEU A 301 -22.57 16.89 0.79
C LEU A 301 -23.76 16.51 1.67
N PRO A 302 -24.58 15.52 1.24
CA PRO A 302 -25.77 15.14 2.00
C PRO A 302 -25.47 14.74 3.45
N PRO A 303 -26.22 15.27 4.46
CA PRO A 303 -26.00 14.88 5.85
C PRO A 303 -26.26 13.38 6.11
N LEU A 304 -25.40 12.75 6.90
CA LEU A 304 -25.51 11.37 7.44
C LEU A 304 -25.11 10.36 6.35
#